data_4HD8
#
_entry.id   4HD8
#
_cell.length_a   114.600
_cell.length_b   114.600
_cell.length_c   123.700
_cell.angle_alpha   90.00
_cell.angle_beta   90.00
_cell.angle_gamma   120.00
#
_symmetry.space_group_name_H-M   'H 3 2'
#
loop_
_entity.id
_entity.type
_entity.pdbx_description
1 polymer 'NAD-dependent protein deacetylase sirtuin-3, mitochondrial'
2 polymer 'Fluor-de-Lys peptide'
3 non-polymer 'ZINC ION'
4 non-polymer PICEATANNOL
5 non-polymer 'ISOPROPYL ALCOHOL'
6 water water
#
loop_
_entity_poly.entity_id
_entity_poly.type
_entity_poly.pdbx_seq_one_letter_code
_entity_poly.pdbx_strand_id
1 'polypeptide(L)'
;GSSDKGKLSLQDVAELIRARACQRVVVMVGAGISTPSGIPDFRSPGSGLYSNLQQYDLPYPEAIFELPFFFHNPKPFFTL
AKELYPGNYKPNVTHYFLRLLHDKGLLLRLYTQNIDGLERVSGIPASKLVEAHGTFASATCTVCQRPFPGEDIRADVMAD
RVPRCPVCTGVVKPDIVFFGEPLPQRFLLHVVDFPMADLLLILGTSLEVEPFASLTEAVRSSVPRLLINRDLVGPLAWHP
RSRDVAQLGDVVHGVESLVELLGWTEEMRDLVQRETGKLDGPDK
;
A
2 'polypeptide(L)' RHK(FDL) F
#
loop_
_chem_comp.id
_chem_comp.type
_chem_comp.name
_chem_comp.formula
IPA non-polymer 'ISOPROPYL ALCOHOL' 'C3 H8 O'
PIT non-polymer PICEATANNOL 'C14 H12 O4'
ZN non-polymer 'ZINC ION' 'Zn 2'
#
# COMPACT_ATOMS: atom_id res chain seq x y z
N LYS A 7 -1.42 22.55 20.44
CA LYS A 7 -1.22 21.20 19.84
C LYS A 7 -2.46 20.65 19.09
N LEU A 8 -2.21 20.15 17.87
CA LEU A 8 -3.26 19.82 16.90
C LEU A 8 -4.05 18.56 17.20
N SER A 9 -5.35 18.64 16.95
CA SER A 9 -6.22 17.46 17.08
C SER A 9 -6.76 17.01 15.70
N LEU A 10 -7.42 15.83 15.69
CA LEU A 10 -8.05 15.26 14.47
C LEU A 10 -8.98 16.23 13.77
N GLN A 11 -9.67 17.05 14.56
CA GLN A 11 -10.60 18.03 14.01
C GLN A 11 -9.85 19.17 13.34
N ASP A 12 -8.70 19.57 13.89
CA ASP A 12 -7.86 20.58 13.21
C ASP A 12 -7.41 20.10 11.82
N VAL A 13 -6.93 18.87 11.73
CA VAL A 13 -6.52 18.25 10.45
C VAL A 13 -7.71 18.21 9.47
N ALA A 14 -8.83 17.63 9.90
CA ALA A 14 -10.08 17.79 9.17
C ALA A 14 -10.42 19.24 8.70
N GLU A 15 -10.25 20.27 9.56
CA GLU A 15 -10.52 21.66 9.14
C GLU A 15 -9.49 22.15 8.12
N LEU A 16 -8.23 21.79 8.30
CA LEU A 16 -7.22 22.01 7.29
C LEU A 16 -7.62 21.41 5.91
N ILE A 17 -8.10 20.16 5.91
CA ILE A 17 -8.50 19.51 4.67
C ILE A 17 -9.79 20.12 4.09
N ARG A 18 -10.82 20.26 4.93
CA ARG A 18 -12.10 20.87 4.52
C ARG A 18 -11.82 22.24 3.87
N ALA A 19 -10.93 23.03 4.48
CA ALA A 19 -10.66 24.43 4.06
C ALA A 19 -9.72 24.55 2.86
N ARG A 20 -9.21 23.40 2.43
CA ARG A 20 -8.34 23.32 1.25
C ARG A 20 -7.02 24.04 1.50
N ALA A 21 -6.70 24.26 2.78
CA ALA A 21 -5.40 24.77 3.20
C ALA A 21 -4.38 23.62 3.15
N CYS A 22 -4.93 22.40 3.13
CA CYS A 22 -4.22 21.16 2.85
C CYS A 22 -4.78 20.61 1.52
N GLN A 23 -3.91 20.54 0.53
CA GLN A 23 -4.29 20.27 -0.85
C GLN A 23 -3.43 19.18 -1.53
N ARG A 24 -2.25 18.86 -0.99
CA ARG A 24 -1.36 17.89 -1.63
C ARG A 24 -0.98 16.87 -0.56
N VAL A 25 -1.88 15.89 -0.42
CA VAL A 25 -1.75 14.90 0.66
C VAL A 25 -0.92 13.74 0.14
N VAL A 26 0.15 13.43 0.86
CA VAL A 26 0.97 12.22 0.62
C VAL A 26 0.50 11.20 1.66
N VAL A 27 0.11 10.02 1.20
CA VAL A 27 -0.36 8.91 2.09
C VAL A 27 0.62 7.75 2.11
N MET A 28 0.84 7.15 3.26
CA MET A 28 1.65 5.94 3.35
C MET A 28 0.82 4.95 4.09
N VAL A 29 0.73 3.74 3.53
CA VAL A 29 -0.14 2.68 4.07
C VAL A 29 0.59 1.35 4.18
N GLY A 30 0.15 0.49 5.11
CA GLY A 30 0.71 -0.85 5.24
C GLY A 30 -0.38 -1.84 5.59
N ALA A 31 0.03 -2.98 6.17
CA ALA A 31 -0.81 -4.13 6.48
C ALA A 31 -2.05 -3.84 7.30
N GLY A 32 -1.97 -2.89 8.22
CA GLY A 32 -3.13 -2.53 9.05
C GLY A 32 -4.36 -2.07 8.26
N ILE A 33 -4.21 -1.58 7.02
CA ILE A 33 -5.44 -1.19 6.23
C ILE A 33 -6.05 -2.40 5.53
N SER A 34 -5.29 -3.48 5.44
CA SER A 34 -5.82 -4.64 4.75
C SER A 34 -6.36 -5.78 5.62
N THR A 35 -5.98 -5.82 6.90
CA THR A 35 -6.58 -6.84 7.80
C THR A 35 -8.12 -6.65 7.87
N PRO A 36 -8.66 -5.41 7.68
CA PRO A 36 -10.16 -5.43 7.73
C PRO A 36 -10.82 -6.03 6.49
N SER A 37 -10.03 -6.32 5.45
CA SER A 37 -10.53 -6.94 4.23
C SER A 37 -10.40 -8.47 4.39
N GLY A 38 -9.71 -8.88 5.46
CA GLY A 38 -9.61 -10.32 5.79
C GLY A 38 -8.27 -10.92 5.42
N ILE A 39 -7.30 -10.08 5.05
CA ILE A 39 -5.92 -10.54 4.77
C ILE A 39 -5.06 -10.36 6.06
N PRO A 40 -4.52 -11.45 6.64
CA PRO A 40 -3.78 -11.14 7.89
C PRO A 40 -2.37 -10.52 7.64
N ASP A 41 -1.80 -9.88 8.68
CA ASP A 41 -0.38 -9.37 8.74
C ASP A 41 0.64 -10.54 8.74
N PHE A 42 1.93 -10.22 8.75
CA PHE A 42 3.05 -11.20 8.88
C PHE A 42 3.10 -12.15 7.70
N GLN A 55 2.57 -26.19 5.99
CA GLN A 55 1.47 -25.24 6.14
C GLN A 55 1.46 -24.32 4.91
N TYR A 56 2.65 -23.77 4.64
CA TYR A 56 3.01 -23.20 3.36
C TYR A 56 4.27 -23.87 2.84
N ASP A 57 4.82 -24.81 3.62
CA ASP A 57 6.04 -25.55 3.27
C ASP A 57 7.29 -24.62 3.31
N LEU A 58 7.32 -23.73 4.29
CA LEU A 58 8.35 -22.71 4.38
C LEU A 58 9.26 -22.98 5.54
N PRO A 59 10.57 -22.84 5.33
CA PRO A 59 11.55 -22.95 6.45
C PRO A 59 11.37 -21.83 7.48
N TYR A 60 11.00 -20.64 7.04
CA TYR A 60 10.69 -19.50 7.98
C TYR A 60 9.86 -18.52 7.14
N PRO A 61 9.11 -17.63 7.78
CA PRO A 61 8.25 -16.68 7.09
C PRO A 61 8.87 -15.99 5.86
N GLU A 62 10.06 -15.43 6.00
CA GLU A 62 10.57 -14.48 5.00
C GLU A 62 10.96 -15.20 3.74
N ALA A 63 11.10 -16.54 3.80
CA ALA A 63 11.55 -17.31 2.59
C ALA A 63 10.55 -17.14 1.44
N ILE A 64 9.31 -16.80 1.76
CA ILE A 64 8.34 -16.67 0.68
C ILE A 64 8.76 -15.51 -0.26
N PHE A 65 9.53 -14.55 0.27
CA PHE A 65 10.04 -13.44 -0.58
C PHE A 65 11.54 -13.38 -0.70
N GLU A 66 12.18 -14.55 -0.74
CA GLU A 66 13.62 -14.62 -1.05
C GLU A 66 13.84 -15.34 -2.33
N LEU A 67 14.71 -14.76 -3.15
CA LEU A 67 15.01 -15.26 -4.46
C LEU A 67 15.68 -16.65 -4.47
N PRO A 68 16.67 -16.89 -3.57
CA PRO A 68 17.25 -18.27 -3.63
C PRO A 68 16.24 -19.37 -3.26
N PHE A 69 15.48 -19.16 -2.19
CA PHE A 69 14.44 -20.11 -1.85
C PHE A 69 13.51 -20.29 -3.07
N PHE A 70 13.11 -19.15 -3.65
CA PHE A 70 12.15 -19.15 -4.75
C PHE A 70 12.67 -19.98 -5.93
N PHE A 71 13.96 -19.81 -6.28
CA PHE A 71 14.54 -20.56 -7.39
C PHE A 71 14.52 -22.03 -7.05
N HIS A 72 14.66 -22.37 -5.76
CA HIS A 72 14.69 -23.78 -5.35
C HIS A 72 13.30 -24.42 -5.21
N ASN A 73 12.34 -23.63 -4.74
CA ASN A 73 10.95 -24.08 -4.63
C ASN A 73 9.96 -22.91 -4.83
N PRO A 74 9.56 -22.65 -6.09
CA PRO A 74 8.62 -21.50 -6.33
C PRO A 74 7.18 -21.73 -5.90
N LYS A 75 6.78 -22.97 -5.54
CA LYS A 75 5.33 -23.26 -5.19
C LYS A 75 4.69 -22.53 -4.01
N PRO A 76 5.43 -22.38 -2.88
CA PRO A 76 4.79 -21.61 -1.81
C PRO A 76 4.46 -20.15 -2.24
N PHE A 77 5.36 -19.47 -2.93
CA PHE A 77 5.02 -18.13 -3.45
C PHE A 77 3.79 -18.18 -4.36
N PHE A 78 3.79 -19.10 -5.34
CA PHE A 78 2.64 -19.25 -6.27
C PHE A 78 1.30 -19.55 -5.59
N THR A 79 1.33 -20.30 -4.50
CA THR A 79 0.19 -20.49 -3.62
C THR A 79 -0.30 -19.18 -3.08
N LEU A 80 0.62 -18.34 -2.55
CA LEU A 80 0.22 -17.02 -2.04
CA LEU A 80 0.21 -17.02 -2.04
C LEU A 80 -0.33 -16.19 -3.21
N ALA A 81 0.36 -16.24 -4.35
CA ALA A 81 -0.15 -15.45 -5.51
C ALA A 81 -1.62 -15.76 -5.88
N LYS A 82 -1.93 -17.06 -5.93
CA LYS A 82 -3.29 -17.56 -6.20
C LYS A 82 -4.33 -17.01 -5.16
N GLU A 83 -3.93 -16.93 -3.90
CA GLU A 83 -4.76 -16.43 -2.79
CA GLU A 83 -4.79 -16.46 -2.84
C GLU A 83 -4.96 -14.93 -2.92
N LEU A 84 -4.02 -14.23 -3.56
CA LEU A 84 -4.05 -12.77 -3.64
C LEU A 84 -4.50 -12.21 -5.01
N TYR A 85 -4.58 -13.08 -6.01
CA TYR A 85 -5.15 -12.59 -7.29
C TYR A 85 -6.56 -11.96 -7.13
N PRO A 86 -6.98 -11.06 -8.05
CA PRO A 86 -8.33 -10.40 -7.92
C PRO A 86 -9.47 -11.38 -7.72
N GLY A 87 -10.43 -11.02 -6.86
CA GLY A 87 -11.59 -11.88 -6.59
C GLY A 87 -11.63 -12.54 -5.21
N ASN A 88 -10.49 -12.53 -4.50
CA ASN A 88 -10.49 -13.09 -3.17
C ASN A 88 -10.84 -12.11 -2.10
N TYR A 89 -10.32 -10.87 -2.22
CA TYR A 89 -10.56 -9.79 -1.28
C TYR A 89 -11.14 -8.52 -1.91
N LYS A 90 -11.87 -7.77 -1.11
CA LYS A 90 -12.36 -6.49 -1.56
C LYS A 90 -11.85 -5.37 -0.66
N PRO A 91 -11.74 -4.15 -1.24
CA PRO A 91 -11.23 -3.02 -0.46
C PRO A 91 -12.25 -2.68 0.65
N ASN A 92 -11.80 -2.02 1.72
CA ASN A 92 -12.70 -1.66 2.83
C ASN A 92 -12.77 -0.13 2.93
N VAL A 93 -13.45 0.39 3.97
CA VAL A 93 -13.67 1.86 4.13
C VAL A 93 -12.33 2.64 4.07
N THR A 94 -11.26 2.04 4.56
CA THR A 94 -9.92 2.61 4.52
C THR A 94 -9.48 2.99 3.11
N HIS A 95 -9.61 2.02 2.20
CA HIS A 95 -9.27 2.13 0.78
C HIS A 95 -10.18 3.15 0.12
N TYR A 96 -11.49 3.03 0.39
CA TYR A 96 -12.44 3.95 -0.16
C TYR A 96 -12.27 5.40 0.38
N PHE A 97 -11.85 5.55 1.65
CA PHE A 97 -11.52 6.90 2.11
C PHE A 97 -10.41 7.49 1.23
N LEU A 98 -9.40 6.70 0.90
CA LEU A 98 -8.31 7.16 0.04
C LEU A 98 -8.81 7.44 -1.43
N ARG A 99 -9.72 6.64 -1.91
CA ARG A 99 -10.32 6.88 -3.21
C ARG A 99 -11.03 8.23 -3.22
N LEU A 100 -11.68 8.54 -2.10
CA LEU A 100 -12.31 9.82 -1.89
C LEU A 100 -11.36 11.04 -1.89
N LEU A 101 -10.23 10.95 -1.20
CA LEU A 101 -9.23 12.00 -1.28
CA LEU A 101 -9.15 11.93 -1.29
C LEU A 101 -8.83 12.24 -2.73
N HIS A 102 -8.56 11.16 -3.48
CA HIS A 102 -8.29 11.28 -4.89
C HIS A 102 -9.42 12.01 -5.67
N ASP A 103 -10.67 11.65 -5.44
CA ASP A 103 -11.76 12.18 -6.22
C ASP A 103 -12.01 13.64 -5.88
N LYS A 104 -11.56 14.05 -4.71
CA LYS A 104 -11.74 15.40 -4.24
C LYS A 104 -10.53 16.27 -4.55
N GLY A 105 -9.61 15.76 -5.36
CA GLY A 105 -8.45 16.55 -5.86
C GLY A 105 -7.40 16.77 -4.78
N LEU A 106 -7.28 15.86 -3.79
CA LEU A 106 -6.38 16.12 -2.65
C LEU A 106 -5.17 15.16 -2.66
N LEU A 107 -5.20 14.15 -3.52
CA LEU A 107 -4.21 13.10 -3.36
C LEU A 107 -3.00 13.33 -4.24
N LEU A 108 -1.88 13.69 -3.65
CA LEU A 108 -0.66 13.84 -4.45
C LEU A 108 -0.06 12.43 -4.75
N ARG A 109 0.25 11.63 -3.73
CA ARG A 109 0.70 10.23 -3.96
C ARG A 109 0.32 9.32 -2.82
N LEU A 110 0.10 8.06 -3.16
CA LEU A 110 -0.18 7.02 -2.17
CA LEU A 110 -0.19 7.01 -2.17
C LEU A 110 0.90 5.94 -2.27
N TYR A 111 1.72 5.86 -1.21
CA TYR A 111 2.80 4.87 -1.04
C TYR A 111 2.24 3.67 -0.22
N THR A 112 2.28 2.46 -0.78
CA THR A 112 1.73 1.31 -0.09
C THR A 112 2.83 0.28 0.02
N GLN A 113 2.85 -0.38 1.18
CA GLN A 113 3.69 -1.57 1.39
C GLN A 113 2.92 -2.88 1.11
N ASN A 114 1.60 -2.79 0.90
CA ASN A 114 0.80 -3.99 0.60
C ASN A 114 0.95 -4.49 -0.86
N ILE A 115 0.75 -5.80 -1.05
CA ILE A 115 0.80 -6.37 -2.37
C ILE A 115 -0.59 -6.95 -2.73
N ASP A 116 -1.61 -6.58 -2.02
CA ASP A 116 -2.91 -7.10 -2.34
C ASP A 116 -3.58 -6.38 -3.51
N GLY A 117 -3.01 -5.25 -3.92
CA GLY A 117 -3.57 -4.51 -5.06
C GLY A 117 -4.90 -3.79 -4.78
N LEU A 118 -5.31 -3.66 -3.52
CA LEU A 118 -6.65 -3.15 -3.30
C LEU A 118 -6.73 -1.64 -3.51
N GLU A 119 -5.59 -0.93 -3.45
CA GLU A 119 -5.61 0.48 -3.77
C GLU A 119 -6.08 0.66 -5.21
N ARG A 120 -5.50 -0.10 -6.13
CA ARG A 120 -5.86 0.08 -7.52
C ARG A 120 -7.31 -0.48 -7.72
N VAL A 121 -7.64 -1.55 -7.01
CA VAL A 121 -9.04 -2.08 -7.10
C VAL A 121 -10.11 -1.03 -6.63
N SER A 122 -9.73 -0.18 -5.67
CA SER A 122 -10.66 0.77 -5.10
C SER A 122 -10.82 1.89 -6.13
N GLY A 123 -10.03 1.83 -7.21
CA GLY A 123 -10.23 2.75 -8.33
C GLY A 123 -9.32 3.97 -8.26
N ILE A 124 -8.31 3.93 -7.40
CA ILE A 124 -7.26 4.95 -7.45
C ILE A 124 -6.37 4.70 -8.68
N PRO A 125 -6.14 5.73 -9.54
CA PRO A 125 -5.35 5.44 -10.73
C PRO A 125 -3.90 5.13 -10.40
N ALA A 126 -3.28 4.28 -11.23
CA ALA A 126 -1.88 3.90 -11.17
C ALA A 126 -0.94 5.05 -11.05
N SER A 127 -1.28 6.15 -11.76
CA SER A 127 -0.39 7.29 -11.73
C SER A 127 -0.29 7.89 -10.31
N LYS A 128 -1.27 7.57 -9.43
CA LYS A 128 -1.33 8.11 -8.05
C LYS A 128 -0.68 7.17 -7.03
N LEU A 129 -0.30 5.97 -7.48
CA LEU A 129 0.16 4.87 -6.61
C LEU A 129 1.65 4.68 -6.74
N VAL A 130 2.34 4.48 -5.60
CA VAL A 130 3.66 3.88 -5.64
C VAL A 130 3.49 2.56 -4.89
N GLU A 131 3.48 1.46 -5.63
CA GLU A 131 3.41 0.12 -4.99
C GLU A 131 4.83 -0.32 -4.63
N ALA A 132 5.24 0.09 -3.45
CA ALA A 132 6.66 0.08 -3.12
C ALA A 132 7.17 -1.37 -2.97
N HIS A 133 6.26 -2.32 -2.69
CA HIS A 133 6.63 -3.71 -2.70
C HIS A 133 6.16 -4.47 -3.93
N GLY A 134 5.70 -3.74 -4.96
CA GLY A 134 5.41 -4.30 -6.25
C GLY A 134 3.98 -4.73 -6.39
N THR A 135 3.75 -5.53 -7.44
CA THR A 135 2.40 -5.79 -7.93
C THR A 135 2.31 -7.12 -8.68
N PHE A 136 1.11 -7.71 -8.67
CA PHE A 136 0.82 -8.91 -9.38
C PHE A 136 0.33 -8.56 -10.77
N ALA A 137 0.28 -7.27 -11.10
CA ALA A 137 -0.39 -6.87 -12.34
C ALA A 137 0.50 -7.17 -13.54
N SER A 138 1.79 -7.38 -13.27
CA SER A 138 2.76 -7.58 -14.32
C SER A 138 3.80 -8.61 -13.78
N ALA A 139 4.54 -9.25 -14.69
CA ALA A 139 5.47 -10.33 -14.33
C ALA A 139 6.72 -10.24 -15.18
N THR A 140 7.79 -10.91 -14.76
CA THR A 140 9.07 -10.75 -15.45
C THR A 140 9.78 -12.09 -15.47
N CYS A 141 10.25 -12.53 -16.66
CA CYS A 141 11.06 -13.75 -16.69
C CYS A 141 12.30 -13.50 -15.81
N THR A 142 12.59 -14.44 -14.91
CA THR A 142 13.67 -14.34 -13.94
C THR A 142 15.02 -14.57 -14.60
N VAL A 143 15.02 -15.08 -15.84
CA VAL A 143 16.23 -15.36 -16.58
C VAL A 143 16.49 -14.31 -17.69
N CYS A 144 15.59 -14.12 -18.67
CA CYS A 144 15.95 -13.21 -19.78
C CYS A 144 15.37 -11.81 -19.58
N GLN A 145 14.70 -11.57 -18.45
CA GLN A 145 14.09 -10.27 -18.14
C GLN A 145 12.96 -9.79 -19.09
N ARG A 146 12.40 -10.66 -19.91
CA ARG A 146 11.23 -10.27 -20.68
C ARG A 146 10.05 -10.03 -19.72
N PRO A 147 9.33 -8.86 -19.87
CA PRO A 147 8.05 -8.49 -19.18
C PRO A 147 6.87 -9.14 -19.89
N PHE A 148 5.78 -9.39 -19.14
CA PHE A 148 4.55 -10.08 -19.53
C PHE A 148 3.44 -9.45 -18.70
N PRO A 149 2.24 -9.25 -19.28
CA PRO A 149 1.13 -8.80 -18.42
C PRO A 149 0.81 -9.91 -17.44
N GLY A 150 0.39 -9.57 -16.23
CA GLY A 150 0.03 -10.60 -15.25
C GLY A 150 -1.10 -11.51 -15.67
N GLU A 151 -2.00 -11.10 -16.55
CA GLU A 151 -3.00 -12.07 -17.12
C GLU A 151 -2.29 -13.22 -17.84
N ASP A 152 -1.12 -12.95 -18.42
CA ASP A 152 -0.54 -14.00 -19.22
C ASP A 152 -0.16 -15.22 -18.37
N ILE A 153 0.09 -15.04 -17.06
CA ILE A 153 0.47 -16.20 -16.23
C ILE A 153 -0.64 -16.71 -15.30
N ARG A 154 -1.71 -15.94 -15.30
CA ARG A 154 -2.89 -16.13 -14.51
C ARG A 154 -3.40 -17.54 -14.57
N ALA A 155 -3.60 -18.05 -15.81
CA ALA A 155 -4.10 -19.40 -16.04
C ALA A 155 -3.23 -20.45 -15.40
N ASP A 156 -1.91 -20.30 -15.58
CA ASP A 156 -0.95 -21.21 -14.94
C ASP A 156 -0.99 -21.17 -13.42
N VAL A 157 -1.02 -19.97 -12.84
CA VAL A 157 -1.09 -19.89 -11.37
C VAL A 157 -2.40 -20.49 -10.90
N MET A 158 -3.54 -20.05 -11.44
CA MET A 158 -4.85 -20.66 -11.08
C MET A 158 -4.83 -22.18 -11.20
N ALA A 159 -4.14 -22.68 -12.21
CA ALA A 159 -4.00 -24.15 -12.40
C ALA A 159 -2.86 -24.84 -11.67
N ASP A 160 -2.32 -24.22 -10.62
CA ASP A 160 -1.12 -24.67 -9.89
C ASP A 160 0.07 -25.12 -10.75
N ARG A 161 0.21 -24.52 -11.94
CA ARG A 161 1.46 -24.70 -12.73
C ARG A 161 2.44 -23.47 -12.59
N VAL A 162 3.72 -23.76 -12.44
CA VAL A 162 4.77 -22.77 -12.50
C VAL A 162 4.88 -22.10 -13.90
N PRO A 163 4.57 -20.80 -14.00
CA PRO A 163 4.62 -20.22 -15.36
C PRO A 163 6.08 -20.15 -15.86
N ARG A 164 6.30 -20.52 -17.13
CA ARG A 164 7.62 -20.64 -17.73
C ARG A 164 7.75 -19.67 -18.95
N CYS A 165 8.91 -19.02 -19.12
CA CYS A 165 9.13 -18.11 -20.27
C CYS A 165 8.96 -18.86 -21.62
N PRO A 166 8.09 -18.32 -22.53
CA PRO A 166 7.84 -19.02 -23.80
C PRO A 166 9.06 -18.91 -24.71
N VAL A 167 10.11 -18.17 -24.32
CA VAL A 167 11.39 -18.12 -25.07
C VAL A 167 12.54 -18.90 -24.39
N CYS A 168 12.87 -18.58 -23.12
CA CYS A 168 14.07 -19.21 -22.50
C CYS A 168 13.71 -20.33 -21.52
N THR A 169 12.42 -20.59 -21.28
CA THR A 169 11.95 -21.54 -20.22
C THR A 169 12.17 -21.07 -18.76
N GLY A 170 12.84 -19.94 -18.53
CA GLY A 170 13.02 -19.41 -17.17
C GLY A 170 11.69 -19.30 -16.44
N VAL A 171 11.73 -19.43 -15.11
CA VAL A 171 10.53 -19.05 -14.30
C VAL A 171 10.12 -17.58 -14.46
N VAL A 172 8.82 -17.40 -14.67
CA VAL A 172 8.29 -16.08 -14.83
C VAL A 172 7.65 -15.67 -13.51
N LYS A 173 8.20 -14.65 -12.87
CA LYS A 173 7.76 -14.27 -11.51
C LYS A 173 6.95 -12.98 -11.60
N PRO A 174 5.74 -12.93 -11.01
CA PRO A 174 5.05 -11.62 -10.76
C PRO A 174 5.98 -10.56 -10.21
N ASP A 175 5.71 -9.29 -10.45
CA ASP A 175 6.67 -8.23 -10.05
C ASP A 175 6.46 -7.84 -8.58
N ILE A 176 6.39 -8.85 -7.72
CA ILE A 176 6.53 -8.60 -6.29
C ILE A 176 8.06 -8.36 -6.00
N VAL A 177 8.37 -7.26 -5.33
CA VAL A 177 9.73 -7.00 -4.86
C VAL A 177 10.12 -8.03 -3.77
N PHE A 178 11.20 -8.77 -4.03
CA PHE A 178 11.73 -9.72 -3.04
C PHE A 178 12.80 -9.10 -2.12
N PHE A 179 13.10 -9.72 -0.98
CA PHE A 179 14.20 -9.21 -0.11
C PHE A 179 15.53 -8.99 -0.82
N GLY A 180 16.20 -7.86 -0.57
CA GLY A 180 17.42 -7.51 -1.31
C GLY A 180 17.30 -6.97 -2.73
N GLU A 181 16.07 -6.87 -3.25
CA GLU A 181 15.88 -6.25 -4.55
C GLU A 181 15.69 -4.74 -4.40
N PRO A 182 16.14 -3.97 -5.39
CA PRO A 182 15.83 -2.50 -5.37
C PRO A 182 14.33 -2.34 -5.37
N LEU A 183 13.87 -1.31 -4.68
CA LEU A 183 12.48 -0.93 -4.74
C LEU A 183 12.14 -0.51 -6.20
N PRO A 184 10.85 -0.53 -6.58
CA PRO A 184 10.54 -0.18 -7.95
C PRO A 184 11.03 1.23 -8.36
N GLN A 185 11.19 1.44 -9.67
CA GLN A 185 11.58 2.73 -10.20
C GLN A 185 10.71 3.88 -9.74
N ARG A 186 9.37 3.62 -9.61
CA ARG A 186 8.42 4.66 -9.20
C ARG A 186 8.67 5.09 -7.76
N PHE A 187 9.39 4.26 -6.98
CA PHE A 187 9.74 4.69 -5.63
C PHE A 187 10.49 6.01 -5.70
N LEU A 188 11.18 6.26 -6.82
CA LEU A 188 11.97 7.53 -6.95
C LEU A 188 11.10 8.76 -6.81
N LEU A 189 9.80 8.61 -7.00
CA LEU A 189 8.97 9.79 -6.96
C LEU A 189 9.04 10.40 -5.57
N HIS A 190 9.47 9.64 -4.54
CA HIS A 190 9.56 10.16 -3.16
C HIS A 190 10.43 11.42 -3.08
N VAL A 191 11.41 11.52 -3.98
CA VAL A 191 12.35 12.66 -4.06
C VAL A 191 11.58 13.94 -4.34
N VAL A 192 10.51 13.88 -5.11
CA VAL A 192 9.70 15.06 -5.35
C VAL A 192 8.44 15.12 -4.47
N ASP A 193 7.83 13.98 -4.12
CA ASP A 193 6.51 14.08 -3.44
C ASP A 193 6.66 14.57 -2.00
N PHE A 194 7.72 14.12 -1.33
CA PHE A 194 7.81 14.36 0.08
C PHE A 194 8.09 15.84 0.41
N PRO A 195 9.05 16.51 -0.31
CA PRO A 195 9.16 18.00 -0.15
C PRO A 195 7.89 18.80 -0.58
N MET A 196 7.13 18.25 -1.55
CA MET A 196 5.92 18.91 -2.03
C MET A 196 4.69 18.68 -1.11
N ALA A 197 4.74 17.65 -0.23
CA ALA A 197 3.60 17.29 0.60
C ALA A 197 3.18 18.45 1.51
N ASP A 198 1.89 18.77 1.60
CA ASP A 198 1.48 19.64 2.73
C ASP A 198 0.74 18.93 3.84
N LEU A 199 0.49 17.63 3.66
CA LEU A 199 -0.07 16.84 4.74
C LEU A 199 0.40 15.42 4.57
N LEU A 200 0.95 14.84 5.63
CA LEU A 200 1.35 13.44 5.62
C LEU A 200 0.35 12.59 6.43
N LEU A 201 -0.23 11.59 5.75
CA LEU A 201 -1.16 10.70 6.40
C LEU A 201 -0.54 9.30 6.34
N ILE A 202 -0.37 8.70 7.54
CA ILE A 202 0.09 7.34 7.70
C ILE A 202 -1.03 6.52 8.27
N LEU A 203 -1.46 5.49 7.50
CA LEU A 203 -2.51 4.57 7.97
C LEU A 203 -2.03 3.14 8.04
N GLY A 204 -2.26 2.50 9.19
CA GLY A 204 -2.05 1.07 9.33
C GLY A 204 -0.66 0.51 9.12
N THR A 205 0.33 1.24 9.57
CA THR A 205 1.72 0.77 9.53
C THR A 205 2.52 1.66 10.47
N SER A 206 3.63 1.13 10.96
CA SER A 206 4.50 1.89 11.82
C SER A 206 5.74 2.42 11.04
N LEU A 207 6.01 1.83 9.87
CA LEU A 207 7.11 2.34 9.02
C LEU A 207 8.45 2.18 9.76
N GLU A 208 8.55 1.03 10.41
CA GLU A 208 9.64 0.68 11.28
C GLU A 208 10.97 0.60 10.56
N VAL A 209 10.91 0.04 9.35
CA VAL A 209 12.08 -0.30 8.59
C VAL A 209 12.41 0.78 7.51
N GLU A 210 13.71 0.93 7.22
CA GLU A 210 14.18 1.78 6.12
C GLU A 210 13.80 1.18 4.72
N PRO A 211 13.64 2.04 3.70
CA PRO A 211 13.73 3.50 3.74
C PRO A 211 12.42 4.19 4.14
N PHE A 212 11.40 3.44 4.60
CA PHE A 212 10.12 4.06 4.89
C PHE A 212 10.16 4.98 6.10
N ALA A 213 11.07 4.66 7.02
CA ALA A 213 11.21 5.34 8.30
C ALA A 213 11.63 6.76 8.08
N SER A 214 12.71 6.92 7.32
CA SER A 214 13.29 8.25 7.06
C SER A 214 12.37 9.14 6.26
N LEU A 215 11.53 8.52 5.39
CA LEU A 215 10.53 9.26 4.55
C LEU A 215 9.58 10.06 5.40
N THR A 216 9.10 9.55 6.53
CA THR A 216 8.28 10.38 7.45
C THR A 216 9.03 11.69 7.85
N GLU A 217 10.36 11.63 7.86
CA GLU A 217 11.25 12.74 8.28
C GLU A 217 11.52 13.70 7.12
N ALA A 218 11.07 13.35 5.90
CA ALA A 218 11.41 14.13 4.67
C ALA A 218 10.42 15.21 4.27
N VAL A 219 9.27 15.27 4.92
CA VAL A 219 8.36 16.41 4.77
C VAL A 219 8.91 17.65 5.56
N ARG A 220 8.57 18.86 5.11
CA ARG A 220 8.93 20.10 5.78
C ARG A 220 8.35 20.18 7.23
N SER A 221 9.10 20.82 8.12
CA SER A 221 8.73 20.95 9.55
C SER A 221 7.34 21.52 9.79
N SER A 222 6.88 22.37 8.90
CA SER A 222 5.53 22.96 9.00
C SER A 222 4.37 22.01 8.59
N VAL A 223 4.68 20.76 8.23
CA VAL A 223 3.71 19.83 7.65
C VAL A 223 3.18 18.89 8.74
N PRO A 224 1.88 18.96 9.03
CA PRO A 224 1.25 18.00 9.92
C PRO A 224 1.49 16.57 9.47
N ARG A 225 1.83 15.71 10.43
CA ARG A 225 1.92 14.29 10.20
C ARG A 225 0.81 13.57 11.05
N LEU A 226 -0.18 12.95 10.37
CA LEU A 226 -1.29 12.30 11.03
C LEU A 226 -1.21 10.79 10.90
N LEU A 227 -1.07 10.10 12.04
CA LEU A 227 -1.02 8.63 12.13
C LEU A 227 -2.35 8.07 12.61
N ILE A 228 -2.99 7.24 11.78
CA ILE A 228 -4.13 6.42 12.21
C ILE A 228 -3.61 4.98 12.25
N ASN A 229 -3.52 4.47 13.46
CA ASN A 229 -2.83 3.20 13.71
C ASN A 229 -3.25 2.65 15.09
N ARG A 230 -3.06 1.33 15.29
CA ARG A 230 -3.24 0.63 16.58
C ARG A 230 -2.62 1.47 17.67
N ASP A 231 -1.32 1.67 17.56
CA ASP A 231 -0.57 2.38 18.57
C ASP A 231 0.39 3.41 17.98
N LEU A 232 0.86 4.29 18.84
CA LEU A 232 1.92 5.25 18.54
C LEU A 232 3.30 4.53 18.55
N VAL A 233 3.75 4.17 17.36
CA VAL A 233 5.03 3.52 17.18
C VAL A 233 5.74 4.13 15.93
N GLY A 234 6.99 3.76 15.74
CA GLY A 234 7.79 4.24 14.63
C GLY A 234 8.33 5.63 14.85
N PRO A 235 8.75 6.28 13.75
CA PRO A 235 9.45 7.56 13.89
C PRO A 235 8.56 8.70 14.37
N LEU A 236 7.24 8.49 14.37
CA LEU A 236 6.34 9.47 14.99
C LEU A 236 6.43 9.45 16.53
N ALA A 237 6.62 8.25 17.09
CA ALA A 237 6.96 8.05 18.50
C ALA A 237 8.42 8.49 18.80
N TRP A 238 9.40 7.92 18.08
CA TRP A 238 10.83 8.19 18.25
C TRP A 238 11.28 9.64 18.06
N HIS A 239 10.76 10.35 17.05
CA HIS A 239 11.21 11.73 16.74
C HIS A 239 10.03 12.71 16.46
N PRO A 240 9.19 13.00 17.50
CA PRO A 240 7.97 13.79 17.28
C PRO A 240 8.22 15.22 16.80
N ARG A 241 7.24 15.77 16.10
CA ARG A 241 7.29 17.15 15.71
C ARG A 241 6.08 17.82 16.28
N SER A 242 6.12 19.14 16.26
CA SER A 242 5.08 19.89 16.92
C SER A 242 3.69 19.74 16.27
N ARG A 243 3.64 19.50 14.95
CA ARG A 243 2.33 19.44 14.26
C ARG A 243 1.81 17.99 13.99
N ASP A 244 2.33 17.02 14.76
CA ASP A 244 1.93 15.61 14.69
C ASP A 244 0.60 15.34 15.36
N VAL A 245 -0.16 14.37 14.84
CA VAL A 245 -1.42 13.95 15.44
C VAL A 245 -1.46 12.45 15.40
N ALA A 246 -1.88 11.83 16.50
CA ALA A 246 -2.08 10.38 16.59
C ALA A 246 -3.54 10.06 16.89
N GLN A 247 -4.12 9.23 16.05
CA GLN A 247 -5.49 8.82 16.26
C GLN A 247 -5.34 7.33 16.44
N LEU A 248 -5.30 6.92 17.72
CA LEU A 248 -4.90 5.58 18.07
C LEU A 248 -6.08 4.65 18.23
N GLY A 249 -5.88 3.36 18.00
CA GLY A 249 -7.00 2.41 18.03
C GLY A 249 -7.34 1.76 16.69
N ASP A 250 -8.56 1.31 16.58
CA ASP A 250 -9.02 0.66 15.37
C ASP A 250 -8.93 1.62 14.15
N VAL A 251 -8.14 1.22 13.14
CA VAL A 251 -7.88 2.04 11.94
C VAL A 251 -9.16 2.37 11.22
N VAL A 252 -10.03 1.37 11.08
CA VAL A 252 -11.36 1.60 10.53
C VAL A 252 -12.09 2.68 11.36
N HIS A 253 -12.11 2.55 12.70
CA HIS A 253 -12.79 3.58 13.58
C HIS A 253 -12.19 4.97 13.42
N GLY A 254 -10.86 5.02 13.40
CA GLY A 254 -10.14 6.29 13.18
C GLY A 254 -10.51 6.91 11.82
N VAL A 255 -10.50 6.09 10.76
CA VAL A 255 -10.87 6.59 9.43
C VAL A 255 -12.26 7.13 9.45
N GLU A 256 -13.18 6.37 10.04
CA GLU A 256 -14.58 6.79 10.18
C GLU A 256 -14.77 8.08 10.98
N SER A 257 -13.92 8.28 12.00
CA SER A 257 -14.08 9.52 12.79
C SER A 257 -13.70 10.68 11.95
N LEU A 258 -12.57 10.54 11.26
CA LEU A 258 -12.06 11.57 10.34
C LEU A 258 -13.08 11.85 9.22
N VAL A 259 -13.66 10.79 8.64
CA VAL A 259 -14.62 10.99 7.54
C VAL A 259 -15.78 11.84 8.08
N GLU A 260 -16.16 11.47 9.29
CA GLU A 260 -17.28 12.06 10.00
C GLU A 260 -16.97 13.57 10.30
N LEU A 261 -15.80 13.88 10.87
CA LEU A 261 -15.38 15.30 10.96
C LEU A 261 -15.25 16.05 9.64
N LEU A 262 -14.99 15.33 8.54
CA LEU A 262 -14.84 16.05 7.27
C LEU A 262 -16.22 16.40 6.64
N GLY A 263 -17.29 15.80 7.14
CA GLY A 263 -18.59 15.84 6.47
C GLY A 263 -18.61 15.04 5.17
N TRP A 264 -17.88 13.89 5.12
CA TRP A 264 -17.87 13.02 3.90
C TRP A 264 -18.70 11.71 4.04
N THR A 265 -19.56 11.66 5.06
CA THR A 265 -20.34 10.47 5.35
C THR A 265 -21.19 9.99 4.15
N GLU A 266 -21.90 10.93 3.54
CA GLU A 266 -22.79 10.63 2.44
C GLU A 266 -21.97 10.23 1.20
N GLU A 267 -20.93 10.98 0.86
CA GLU A 267 -20.00 10.54 -0.22
C GLU A 267 -19.36 9.16 0.02
N MET A 268 -19.00 8.82 1.27
CA MET A 268 -18.51 7.44 1.59
C MET A 268 -19.54 6.41 1.20
N ARG A 269 -20.80 6.67 1.55
CA ARG A 269 -21.87 5.72 1.34
C ARG A 269 -22.16 5.60 -0.16
N ASP A 270 -22.18 6.74 -0.85
CA ASP A 270 -22.37 6.77 -2.31
C ASP A 270 -21.28 5.93 -3.00
N LEU A 271 -20.03 6.22 -2.66
CA LEU A 271 -18.89 5.58 -3.28
C LEU A 271 -18.91 4.05 -3.01
N VAL A 272 -18.97 3.65 -1.73
CA VAL A 272 -19.04 2.23 -1.34
C VAL A 272 -20.15 1.43 -2.06
N GLN A 273 -21.35 1.99 -2.18
CA GLN A 273 -22.41 1.25 -2.86
C GLN A 273 -22.29 1.22 -4.37
N ARG A 274 -21.86 2.31 -5.01
CA ARG A 274 -21.44 2.32 -6.43
C ARG A 274 -20.40 1.20 -6.69
N GLU A 275 -19.35 1.17 -5.89
CA GLU A 275 -18.28 0.25 -6.13
C GLU A 275 -18.56 -1.23 -5.79
N THR A 276 -19.31 -1.50 -4.71
CA THR A 276 -19.39 -2.88 -4.18
C THR A 276 -20.80 -3.44 -4.06
N GLY A 277 -21.78 -2.65 -4.53
CA GLY A 277 -23.19 -3.03 -4.47
C GLY A 277 -23.87 -2.46 -3.24
N LYS A 278 -23.21 -2.59 -2.09
CA LYS A 278 -23.69 -2.00 -0.83
C LYS A 278 -22.66 -2.23 0.28
N ARG B 1 20.20 2.18 -4.86
CA ARG B 1 20.42 2.31 -3.37
C ARG B 1 19.33 1.67 -2.48
N HIS B 2 18.08 2.14 -2.59
CA HIS B 2 17.00 1.64 -1.75
C HIS B 2 16.55 0.22 -2.15
N LYS B 3 16.72 -0.72 -1.19
CA LYS B 3 16.40 -2.12 -1.40
C LYS B 3 15.37 -2.60 -0.37
CAL FDL B 4 17.54 -8.87 6.35
CAD FDL B 4 16.76 -7.73 6.66
CAC FDL B 4 16.60 -7.33 7.98
CAB FDL B 4 15.84 -6.16 8.27
OAK FDL B 4 15.70 -5.82 9.45
OAA FDL B 4 15.22 -5.42 7.24
CAF FDL B 4 15.33 -5.81 5.93
CAG FDL B 4 14.69 -5.02 4.97
CAE FDL B 4 16.11 -6.96 5.66
CAH FDL B 4 16.25 -7.32 4.34
CAI FDL B 4 15.59 -6.50 3.42
CAJ FDL B 4 14.82 -5.39 3.65
NAM FDL B 4 14.22 -4.69 2.65
C FDL B 4 14.52 -5.02 1.37
O FDL B 4 15.33 -5.90 1.05
CA FDL B 4 13.76 -4.26 0.28
N FDL B 4 14.70 -3.70 -0.66
CB FDL B 4 12.71 -5.19 -0.46
CAS FDL B 4 11.62 -5.59 0.57
CAT FDL B 4 10.57 -6.34 -0.23
CAU FDL B 4 9.66 -7.10 0.70
NAV FDL B 4 8.60 -7.81 -0.08
CAW FDL B 4 7.34 -7.88 0.41
OAY FDL B 4 7.02 -7.41 1.51
CAX FDL B 4 6.28 -8.57 -0.45
ZN ZN C . 12.89 -15.75 -20.43
C1 PIT D . 17.64 -12.62 1.26
C2 PIT D . 16.73 -12.84 2.31
C3 PIT D . 16.37 -11.84 3.24
C4 PIT D . 16.96 -10.58 3.09
C5 PIT D . 17.85 -10.34 2.04
C6 PIT D . 18.19 -11.35 1.13
C7 PIT D . 18.47 -9.01 1.83
C8 PIT D . 19.33 -8.98 0.80
C9 PIT D . 19.98 -7.69 0.53
C10 PIT D . 20.93 -7.61 -0.48
C11 PIT D . 21.52 -6.36 -0.73
C12 PIT D . 21.08 -5.18 0.10
C13 PIT D . 20.11 -5.34 1.08
C14 PIT D . 19.57 -6.60 1.30
O1 PIT D . 21.62 -3.94 -0.07
O2 PIT D . 15.45 -12.09 4.26
O3 PIT D . 17.97 -13.60 0.36
OAD PIT D . 22.48 -6.24 -1.72
C1 IPA E . 11.69 6.41 -12.69
C2 IPA E . 10.19 6.56 -12.47
C3 IPA E . 9.91 7.52 -11.29
O2 IPA E . 9.57 7.00 -13.69
#